data_3ICP
#
_entry.id   3ICP
#
_cell.length_a   101.055
_cell.length_b   101.055
_cell.length_c   75.995
_cell.angle_alpha   90.000
_cell.angle_beta   90.000
_cell.angle_gamma   90.000
#
_symmetry.space_group_name_H-M   'P 41 21 2'
#
loop_
_entity.id
_entity.type
_entity.pdbx_description
1 polymer 'NAD-dependent epimerase/dehydratase'
2 non-polymer NICOTINAMIDE-ADENINE-DINUCLEOTIDE
3 non-polymer 'PHOSPHATE ION'
4 water water
#
_entity_poly.entity_id   1
_entity_poly.type   'polypeptide(L)'
_entity_poly.pdbx_seq_one_letter_code
;MRIVVTGGAGFIGSHLVDKLVELGYEVVVVDNLSSGRREFVNPSAELHVRDLKDYSWGAGIKGDVVFHFAANPEVRLSTT
EPIVHFNENVVATFNVLEWARQTGVRTVVFASSSTVYGDADVIPTPEEEPYKPISVYGAAKAAGEVMCATYARLFGVRCL
AVRYANVVGPRLRHGVIYDFIMKLRRNPNVLEVLGDGTQRKSYLYVRDAVEATLAAWKKFEEMDAPFLALNVGNVDAVRV
LDIAQIVAEVLGLRPEIRLVPSTPDGRGWPGDVKYMTLAVTKLMKLTGWRPTMTSAEAVKKTAEDLAKELWG
;
_entity_poly.pdbx_strand_id   A
#
loop_
_chem_comp.id
_chem_comp.type
_chem_comp.name
_chem_comp.formula
NAD non-polymer NICOTINAMIDE-ADENINE-DINUCLEOTIDE 'C21 H27 N7 O14 P2'
PO4 non-polymer 'PHOSPHATE ION' 'O4 P -3'
#
# COMPACT_ATOMS: atom_id res chain seq x y z
N MET A 1 -16.28 -17.12 1.68
CA MET A 1 -15.04 -17.72 1.13
C MET A 1 -13.84 -17.40 2.02
N ARG A 2 -12.74 -18.06 1.78
CA ARG A 2 -11.54 -17.87 2.56
C ARG A 2 -10.59 -16.92 1.87
N ILE A 3 -10.26 -15.85 2.57
CA ILE A 3 -9.41 -14.80 2.00
C ILE A 3 -8.07 -14.73 2.72
N VAL A 4 -6.99 -14.83 1.96
CA VAL A 4 -5.64 -14.76 2.51
C VAL A 4 -5.07 -13.35 2.31
N VAL A 5 -4.59 -12.74 3.39
CA VAL A 5 -4.01 -11.41 3.28
C VAL A 5 -2.56 -11.39 3.76
N THR A 6 -1.61 -11.37 2.82
CA THR A 6 -0.22 -11.32 3.25
C THR A 6 0.03 -9.88 3.71
N GLY A 7 0.86 -9.73 4.73
CA GLY A 7 1.16 -8.41 5.27
C GLY A 7 -0.06 -7.82 5.99
N GLY A 8 -1.00 -8.68 6.34
CA GLY A 8 -2.21 -8.23 7.02
C GLY A 8 -1.98 -7.68 8.42
N ALA A 9 -0.75 -7.72 8.90
CA ALA A 9 -0.45 -7.17 10.23
C ALA A 9 0.15 -5.78 10.08
N GLY A 10 0.24 -5.31 8.84
CA GLY A 10 0.81 -3.99 8.60
C GLY A 10 -0.24 -2.90 8.49
N PHE A 11 0.21 -1.70 8.10
CA PHE A 11 -0.66 -0.55 7.97
C PHE A 11 -1.89 -0.78 7.08
N ILE A 12 -1.70 -0.76 5.76
CA ILE A 12 -2.84 -0.96 4.87
C ILE A 12 -3.48 -2.32 5.08
N GLY A 13 -2.65 -3.35 5.21
CA GLY A 13 -3.14 -4.69 5.40
C GLY A 13 -4.08 -4.90 6.57
N SER A 14 -3.73 -4.35 7.74
CA SER A 14 -4.58 -4.51 8.93
C SER A 14 -5.93 -3.82 8.71
N HIS A 15 -5.93 -2.68 8.05
CA HIS A 15 -7.19 -1.97 7.79
C HIS A 15 -8.01 -2.73 6.76
N LEU A 16 -7.33 -3.33 5.79
CA LEU A 16 -8.00 -4.12 4.76
C LEU A 16 -8.66 -5.32 5.44
N VAL A 17 -7.91 -5.97 6.32
CA VAL A 17 -8.42 -7.13 7.05
C VAL A 17 -9.68 -6.75 7.84
N ASP A 18 -9.65 -5.61 8.53
CA ASP A 18 -10.80 -5.15 9.32
C ASP A 18 -12.06 -5.02 8.48
N LYS A 19 -11.95 -4.45 7.29
CA LYS A 19 -13.10 -4.29 6.42
C LYS A 19 -13.59 -5.64 5.90
N LEU A 20 -12.64 -6.51 5.53
CA LEU A 20 -12.99 -7.84 5.03
C LEU A 20 -13.73 -8.61 6.13
N VAL A 21 -13.29 -8.45 7.38
CA VAL A 21 -13.95 -9.12 8.49
C VAL A 21 -15.36 -8.54 8.68
N GLU A 22 -15.50 -7.23 8.56
CA GLU A 22 -16.80 -6.60 8.71
C GLU A 22 -17.77 -7.08 7.63
N LEU A 23 -17.22 -7.39 6.46
CA LEU A 23 -18.03 -7.86 5.34
C LEU A 23 -18.45 -9.31 5.48
N GLY A 24 -17.87 -10.00 6.45
CA GLY A 24 -18.22 -11.40 6.68
C GLY A 24 -17.26 -12.43 6.11
N TYR A 25 -16.18 -11.99 5.50
CA TYR A 25 -15.21 -12.92 4.93
C TYR A 25 -14.38 -13.61 6.02
N GLU A 26 -13.94 -14.83 5.74
CA GLU A 26 -13.09 -15.59 6.66
C GLU A 26 -11.68 -15.17 6.27
N VAL A 27 -11.04 -14.39 7.11
CA VAL A 27 -9.70 -13.87 6.81
C VAL A 27 -8.54 -14.58 7.47
N VAL A 28 -7.55 -14.92 6.65
CA VAL A 28 -6.33 -15.59 7.10
C VAL A 28 -5.18 -14.59 6.87
N VAL A 29 -4.49 -14.23 7.93
CA VAL A 29 -3.37 -13.28 7.82
C VAL A 29 -2.04 -13.99 7.85
N VAL A 30 -1.15 -13.62 6.93
CA VAL A 30 0.18 -14.19 6.87
C VAL A 30 1.13 -12.99 6.95
N ASP A 31 1.96 -12.97 7.98
CA ASP A 31 2.85 -11.85 8.20
C ASP A 31 4.05 -12.29 9.04
N ASN A 32 5.23 -11.79 8.70
CA ASN A 32 6.44 -12.15 9.43
C ASN A 32 6.72 -11.17 10.56
N LEU A 33 5.84 -10.19 10.70
CA LEU A 33 5.93 -9.19 11.76
C LEU A 33 7.23 -8.39 11.75
N SER A 34 7.80 -8.18 10.56
CA SER A 34 9.02 -7.41 10.41
C SER A 34 8.71 -5.92 10.59
N SER A 35 7.61 -5.46 10.02
CA SER A 35 7.21 -4.06 10.16
C SER A 35 5.76 -3.97 10.68
N GLY A 36 5.07 -5.11 10.70
CA GLY A 36 3.71 -5.14 11.19
C GLY A 36 3.68 -5.51 12.66
N ARG A 37 2.51 -5.48 13.27
CA ARG A 37 2.38 -5.80 14.69
C ARG A 37 1.15 -6.64 14.99
N ARG A 38 1.30 -7.55 15.95
CA ARG A 38 0.20 -8.42 16.32
C ARG A 38 -0.99 -7.62 16.86
N GLU A 39 -0.71 -6.46 17.45
CA GLU A 39 -1.80 -5.64 17.98
C GLU A 39 -2.70 -5.09 16.88
N PHE A 40 -2.22 -5.09 15.64
CA PHE A 40 -3.04 -4.58 14.54
C PHE A 40 -3.92 -5.64 13.91
N VAL A 41 -3.68 -6.90 14.27
CA VAL A 41 -4.46 -7.99 13.69
C VAL A 41 -5.85 -8.16 14.29
N ASN A 42 -6.87 -8.15 13.44
CA ASN A 42 -8.25 -8.29 13.89
C ASN A 42 -8.44 -9.62 14.60
N PRO A 43 -9.11 -9.60 15.76
CA PRO A 43 -9.35 -10.81 16.56
C PRO A 43 -10.03 -11.94 15.79
N SER A 44 -10.84 -11.58 14.79
CA SER A 44 -11.55 -12.57 14.00
C SER A 44 -10.70 -13.19 12.91
N ALA A 45 -9.54 -12.60 12.63
CA ALA A 45 -8.65 -13.13 11.60
C ALA A 45 -7.70 -14.19 12.16
N GLU A 46 -7.30 -15.13 11.31
CA GLU A 46 -6.40 -16.21 11.71
C GLU A 46 -4.97 -15.86 11.28
N LEU A 47 -4.12 -15.54 12.26
CA LEU A 47 -2.73 -15.15 12.01
C LEU A 47 -1.74 -16.31 11.87
N HIS A 48 -0.92 -16.23 10.83
CA HIS A 48 0.10 -17.23 10.56
C HIS A 48 1.40 -16.47 10.34
N VAL A 49 2.35 -16.65 11.25
CA VAL A 49 3.64 -15.95 11.14
C VAL A 49 4.55 -16.76 10.23
N ARG A 50 4.64 -16.33 8.97
CA ARG A 50 5.46 -16.98 7.94
C ARG A 50 6.27 -15.90 7.23
N ASP A 51 7.35 -16.32 6.56
CA ASP A 51 8.22 -15.42 5.81
C ASP A 51 8.08 -15.73 4.31
N LEU A 52 7.49 -14.81 3.56
CA LEU A 52 7.27 -14.98 2.13
C LEU A 52 8.55 -15.22 1.31
N LYS A 53 9.72 -14.91 1.88
CA LYS A 53 10.96 -15.15 1.16
C LYS A 53 11.20 -16.67 1.06
N ASP A 54 10.48 -17.45 1.87
CA ASP A 54 10.61 -18.90 1.82
C ASP A 54 9.63 -19.43 0.80
N TYR A 55 10.11 -20.28 -0.10
CA TYR A 55 9.28 -20.88 -1.12
C TYR A 55 8.06 -21.60 -0.53
N SER A 56 8.26 -22.29 0.59
CA SER A 56 7.18 -23.04 1.23
C SER A 56 6.43 -22.26 2.31
N TRP A 57 6.43 -20.93 2.19
CA TRP A 57 5.76 -20.08 3.16
C TRP A 57 4.28 -20.39 3.33
N GLY A 58 3.63 -20.84 2.25
CA GLY A 58 2.22 -21.13 2.30
C GLY A 58 1.79 -22.56 2.53
N ALA A 59 2.72 -23.39 3.01
CA ALA A 59 2.41 -24.79 3.28
C ALA A 59 1.27 -24.86 4.30
N GLY A 60 0.19 -25.54 3.93
CA GLY A 60 -0.95 -25.69 4.83
C GLY A 60 -1.91 -24.51 4.82
N ILE A 61 -1.61 -23.48 4.03
CA ILE A 61 -2.48 -22.31 3.97
C ILE A 61 -3.31 -22.36 2.70
N LYS A 62 -4.64 -22.33 2.86
CA LYS A 62 -5.53 -22.38 1.72
C LYS A 62 -6.43 -21.16 1.67
N GLY A 63 -6.73 -20.71 0.45
CA GLY A 63 -7.59 -19.56 0.28
C GLY A 63 -8.10 -19.45 -1.14
N ASP A 64 -9.24 -18.80 -1.32
CA ASP A 64 -9.81 -18.63 -2.66
C ASP A 64 -9.23 -17.40 -3.36
N VAL A 65 -8.87 -16.40 -2.56
CA VAL A 65 -8.34 -15.14 -3.08
C VAL A 65 -7.22 -14.71 -2.15
N VAL A 66 -6.20 -14.07 -2.71
CA VAL A 66 -5.12 -13.60 -1.88
C VAL A 66 -4.83 -12.14 -2.15
N PHE A 67 -4.79 -11.36 -1.09
CA PHE A 67 -4.46 -9.95 -1.19
C PHE A 67 -3.00 -9.93 -0.75
N HIS A 68 -2.10 -9.80 -1.72
CA HIS A 68 -0.66 -9.79 -1.46
C HIS A 68 -0.18 -8.38 -1.17
N PHE A 69 -0.19 -8.02 0.11
CA PHE A 69 0.22 -6.68 0.54
C PHE A 69 1.52 -6.70 1.32
N ALA A 70 2.09 -7.88 1.51
CA ALA A 70 3.35 -8.01 2.25
C ALA A 70 4.51 -7.48 1.44
N ALA A 71 5.41 -6.76 2.12
CA ALA A 71 6.62 -6.20 1.53
C ALA A 71 7.21 -5.27 2.54
N ASN A 72 8.46 -4.87 2.33
CA ASN A 72 9.04 -3.92 3.25
C ASN A 72 8.32 -2.60 2.94
N PRO A 73 8.20 -1.69 3.93
CA PRO A 73 7.51 -0.42 3.72
C PRO A 73 8.21 0.46 2.67
N GLU A 74 7.42 1.19 1.90
CA GLU A 74 7.94 2.06 0.86
C GLU A 74 8.39 3.38 1.48
N VAL A 75 9.62 3.41 1.99
CA VAL A 75 10.18 4.61 2.62
C VAL A 75 11.69 4.47 2.75
N ARG A 76 12.40 5.62 2.73
CA ARG A 76 13.84 5.60 2.84
C ARG A 76 14.46 4.54 1.92
N LEU A 77 13.93 4.50 0.68
CA LEU A 77 14.37 3.51 -0.30
C LEU A 77 15.87 3.49 -0.56
N SER A 78 16.53 4.64 -0.43
CA SER A 78 17.96 4.73 -0.67
C SER A 78 18.83 4.29 0.51
N THR A 79 18.21 4.03 1.66
CA THR A 79 18.97 3.61 2.84
C THR A 79 18.97 2.11 3.03
N THR A 80 18.10 1.42 2.31
CA THR A 80 18.00 -0.03 2.42
C THR A 80 18.77 -0.70 1.28
N GLU A 81 19.47 -1.79 1.57
CA GLU A 81 20.24 -2.51 0.58
C GLU A 81 19.34 -3.02 -0.56
N PRO A 82 19.79 -2.88 -1.81
CA PRO A 82 19.02 -3.34 -2.98
C PRO A 82 18.55 -4.79 -2.84
N ILE A 83 19.42 -5.66 -2.31
CA ILE A 83 19.07 -7.07 -2.14
C ILE A 83 17.83 -7.25 -1.26
N VAL A 84 17.66 -6.37 -0.28
CA VAL A 84 16.51 -6.45 0.61
C VAL A 84 15.25 -6.10 -0.16
N HIS A 85 15.31 -5.02 -0.94
CA HIS A 85 14.17 -4.62 -1.76
C HIS A 85 13.81 -5.74 -2.71
N PHE A 86 14.83 -6.32 -3.34
CA PHE A 86 14.64 -7.41 -4.29
C PHE A 86 14.00 -8.63 -3.65
N ASN A 87 14.57 -9.09 -2.54
CA ASN A 87 14.05 -10.27 -1.86
C ASN A 87 12.65 -10.10 -1.27
N GLU A 88 12.40 -8.96 -0.62
CA GLU A 88 11.10 -8.71 0.00
C GLU A 88 10.00 -8.40 -1.00
N ASN A 89 10.37 -8.02 -2.21
CA ASN A 89 9.36 -7.70 -3.22
C ASN A 89 9.29 -8.71 -4.36
N VAL A 90 10.35 -8.80 -5.14
CA VAL A 90 10.37 -9.73 -6.28
C VAL A 90 10.32 -11.19 -5.89
N VAL A 91 11.19 -11.63 -4.99
CA VAL A 91 11.20 -13.03 -4.61
C VAL A 91 9.92 -13.39 -3.85
N ALA A 92 9.55 -12.57 -2.87
CA ALA A 92 8.35 -12.82 -2.11
C ALA A 92 7.13 -12.95 -3.02
N THR A 93 6.99 -12.03 -3.97
CA THR A 93 5.85 -12.04 -4.89
C THR A 93 5.85 -13.28 -5.75
N PHE A 94 7.02 -13.70 -6.22
CA PHE A 94 7.08 -14.91 -7.04
C PHE A 94 6.62 -16.11 -6.21
N ASN A 95 7.07 -16.20 -4.96
CA ASN A 95 6.68 -17.31 -4.09
C ASN A 95 5.18 -17.31 -3.82
N VAL A 96 4.58 -16.12 -3.80
CA VAL A 96 3.13 -16.00 -3.58
C VAL A 96 2.42 -16.51 -4.83
N LEU A 97 2.93 -16.14 -5.99
CA LEU A 97 2.32 -16.58 -7.26
C LEU A 97 2.39 -18.10 -7.43
N GLU A 98 3.53 -18.70 -7.09
CA GLU A 98 3.69 -20.15 -7.20
C GLU A 98 2.73 -20.85 -6.24
N TRP A 99 2.60 -20.31 -5.03
CA TRP A 99 1.68 -20.86 -4.05
C TRP A 99 0.26 -20.76 -4.61
N ALA A 100 -0.08 -19.60 -5.18
CA ALA A 100 -1.42 -19.40 -5.74
C ALA A 100 -1.71 -20.39 -6.88
N ARG A 101 -0.72 -20.59 -7.72
CA ARG A 101 -0.88 -21.51 -8.84
C ARG A 101 -1.06 -22.95 -8.35
N GLN A 102 -0.18 -23.39 -7.46
CA GLN A 102 -0.22 -24.75 -6.95
C GLN A 102 -1.41 -25.07 -6.03
N THR A 103 -1.98 -24.05 -5.41
CA THR A 103 -3.11 -24.29 -4.51
C THR A 103 -4.46 -23.99 -5.18
N GLY A 104 -4.41 -23.48 -6.40
CA GLY A 104 -5.64 -23.17 -7.13
C GLY A 104 -6.32 -21.85 -6.78
N VAL A 105 -5.55 -20.90 -6.27
CA VAL A 105 -6.09 -19.59 -5.94
C VAL A 105 -6.62 -18.98 -7.23
N ARG A 106 -7.81 -18.39 -7.15
CA ARG A 106 -8.42 -17.83 -8.34
C ARG A 106 -8.09 -16.37 -8.61
N THR A 107 -7.82 -15.62 -7.55
CA THR A 107 -7.53 -14.20 -7.70
C THR A 107 -6.41 -13.69 -6.80
N VAL A 108 -5.57 -12.85 -7.38
CA VAL A 108 -4.49 -12.22 -6.66
C VAL A 108 -4.67 -10.71 -6.72
N VAL A 109 -4.85 -10.07 -5.57
CA VAL A 109 -4.97 -8.62 -5.53
C VAL A 109 -3.61 -8.16 -5.05
N PHE A 110 -2.79 -7.70 -5.99
CA PHE A 110 -1.43 -7.24 -5.69
C PHE A 110 -1.31 -5.77 -5.35
N ALA A 111 -0.70 -5.47 -4.19
CA ALA A 111 -0.53 -4.08 -3.81
C ALA A 111 0.70 -3.54 -4.55
N SER A 112 0.49 -2.75 -5.58
CA SER A 112 1.59 -2.17 -6.32
C SER A 112 1.86 -0.76 -5.81
N SER A 113 2.51 0.08 -6.62
CA SER A 113 2.87 1.44 -6.19
C SER A 113 3.07 2.41 -7.35
N SER A 114 2.84 3.69 -7.09
CA SER A 114 3.03 4.72 -8.10
C SER A 114 4.49 4.76 -8.49
N THR A 115 5.35 4.17 -7.67
CA THR A 115 6.78 4.18 -7.97
C THR A 115 7.13 3.42 -9.24
N VAL A 116 6.21 2.58 -9.71
CA VAL A 116 6.48 1.84 -10.94
C VAL A 116 6.60 2.82 -12.11
N TYR A 117 6.06 4.03 -11.93
CA TYR A 117 6.10 5.06 -12.97
C TYR A 117 7.36 5.90 -12.90
N GLY A 118 8.01 5.91 -11.74
CA GLY A 118 9.20 6.72 -11.55
C GLY A 118 8.79 8.18 -11.68
N ASP A 119 9.63 9.00 -12.30
CA ASP A 119 9.29 10.40 -12.50
C ASP A 119 8.50 10.48 -13.80
N ALA A 120 7.20 10.21 -13.69
CA ALA A 120 6.29 10.20 -14.83
C ALA A 120 6.30 11.51 -15.64
N ASP A 121 6.17 11.37 -16.95
CA ASP A 121 6.14 12.55 -17.81
C ASP A 121 4.77 13.20 -17.76
N VAL A 122 3.74 12.41 -17.45
CA VAL A 122 2.39 12.91 -17.37
C VAL A 122 1.86 12.80 -15.94
N ILE A 123 1.38 13.93 -15.42
CA ILE A 123 0.83 13.99 -14.06
C ILE A 123 -0.37 14.93 -14.02
N PRO A 124 -1.54 14.46 -13.54
CA PRO A 124 -1.83 13.10 -13.03
C PRO A 124 -1.42 12.00 -14.00
N THR A 125 -0.89 10.91 -13.45
CA THR A 125 -0.41 9.82 -14.28
C THR A 125 -1.45 8.74 -14.56
N PRO A 126 -1.75 8.49 -15.85
CA PRO A 126 -2.73 7.48 -16.24
C PRO A 126 -2.05 6.11 -16.25
N GLU A 127 -2.84 5.05 -16.15
CA GLU A 127 -2.31 3.69 -16.11
C GLU A 127 -1.51 3.32 -17.37
N GLU A 128 -1.81 4.01 -18.47
CA GLU A 128 -1.15 3.78 -19.75
C GLU A 128 0.35 4.06 -19.72
N GLU A 129 0.78 5.01 -18.88
CA GLU A 129 2.19 5.35 -18.80
C GLU A 129 3.04 4.11 -18.51
N PRO A 130 4.20 3.99 -19.18
CA PRO A 130 5.12 2.87 -19.03
C PRO A 130 5.91 2.85 -17.74
N TYR A 131 6.54 1.71 -17.47
CA TYR A 131 7.37 1.53 -16.30
C TYR A 131 8.67 2.31 -16.46
N LYS A 132 8.95 3.22 -15.54
CA LYS A 132 10.20 3.97 -15.59
C LYS A 132 10.65 4.24 -14.16
N PRO A 133 10.70 3.19 -13.33
CA PRO A 133 11.11 3.32 -11.93
C PRO A 133 12.54 3.83 -11.78
N ILE A 134 12.76 4.65 -10.76
CA ILE A 134 14.09 5.22 -10.49
C ILE A 134 14.65 4.67 -9.18
N SER A 135 13.91 3.74 -8.55
CA SER A 135 14.39 3.13 -7.32
C SER A 135 14.30 1.61 -7.48
N VAL A 136 15.11 0.90 -6.70
CA VAL A 136 15.10 -0.56 -6.77
C VAL A 136 13.72 -1.06 -6.35
N TYR A 137 13.14 -0.40 -5.36
CA TYR A 137 11.80 -0.75 -4.88
C TYR A 137 10.80 -0.67 -6.03
N GLY A 138 10.83 0.45 -6.76
CA GLY A 138 9.93 0.63 -7.88
C GLY A 138 10.15 -0.40 -8.97
N ALA A 139 11.41 -0.79 -9.21
CA ALA A 139 11.68 -1.81 -10.22
C ALA A 139 11.13 -3.14 -9.71
N ALA A 140 11.25 -3.37 -8.42
CA ALA A 140 10.76 -4.62 -7.84
C ALA A 140 9.24 -4.74 -7.97
N LYS A 141 8.53 -3.64 -7.71
CA LYS A 141 7.08 -3.65 -7.84
C LYS A 141 6.69 -3.86 -9.30
N ALA A 142 7.40 -3.20 -10.21
CA ALA A 142 7.10 -3.36 -11.64
C ALA A 142 7.33 -4.82 -12.04
N ALA A 143 8.42 -5.41 -11.58
CA ALA A 143 8.72 -6.81 -11.89
C ALA A 143 7.62 -7.69 -11.30
N GLY A 144 7.14 -7.34 -10.11
CA GLY A 144 6.08 -8.11 -9.50
C GLY A 144 4.85 -8.08 -10.39
N GLU A 145 4.55 -6.90 -10.92
CA GLU A 145 3.39 -6.74 -11.82
C GLU A 145 3.53 -7.61 -13.06
N VAL A 146 4.69 -7.59 -13.70
CA VAL A 146 4.92 -8.38 -14.91
C VAL A 146 4.68 -9.86 -14.64
N MET A 147 5.21 -10.35 -13.52
CA MET A 147 5.03 -11.76 -13.15
C MET A 147 3.57 -12.08 -12.88
N CYS A 148 2.86 -11.19 -12.18
CA CYS A 148 1.44 -11.39 -11.87
C CYS A 148 0.61 -11.47 -13.14
N ALA A 149 0.87 -10.57 -14.08
CA ALA A 149 0.13 -10.52 -15.33
C ALA A 149 0.38 -11.80 -16.13
N THR A 150 1.60 -12.29 -16.08
CA THR A 150 1.95 -13.51 -16.80
C THR A 150 1.24 -14.72 -16.21
N TYR A 151 1.22 -14.81 -14.88
CA TYR A 151 0.56 -15.93 -14.21
C TYR A 151 -0.94 -15.91 -14.52
N ALA A 152 -1.48 -14.73 -14.76
CA ALA A 152 -2.90 -14.58 -15.08
C ALA A 152 -3.16 -15.10 -16.49
N ARG A 153 -2.31 -14.72 -17.43
CA ARG A 153 -2.48 -15.15 -18.81
C ARG A 153 -2.13 -16.62 -19.02
N LEU A 154 -1.10 -17.10 -18.32
CA LEU A 154 -0.64 -18.47 -18.48
C LEU A 154 -1.32 -19.53 -17.61
N PHE A 155 -1.48 -19.24 -16.32
CA PHE A 155 -2.06 -20.21 -15.40
C PHE A 155 -3.50 -19.91 -14.98
N GLY A 156 -4.06 -18.82 -15.46
CA GLY A 156 -5.42 -18.47 -15.10
C GLY A 156 -5.57 -17.83 -13.72
N VAL A 157 -4.46 -17.53 -13.07
CA VAL A 157 -4.50 -16.88 -11.76
C VAL A 157 -4.71 -15.39 -12.03
N ARG A 158 -5.97 -14.97 -12.06
CA ARG A 158 -6.31 -13.59 -12.36
C ARG A 158 -5.72 -12.64 -11.34
N CYS A 159 -5.31 -11.46 -11.81
CA CYS A 159 -4.72 -10.48 -10.91
C CYS A 159 -5.14 -9.03 -11.12
N LEU A 160 -5.45 -8.38 -10.01
CA LEU A 160 -5.79 -6.96 -10.04
C LEU A 160 -4.60 -6.31 -9.33
N ALA A 161 -3.87 -5.47 -10.06
CA ALA A 161 -2.73 -4.77 -9.49
C ALA A 161 -3.15 -3.37 -9.10
N VAL A 162 -3.09 -3.07 -7.81
CA VAL A 162 -3.48 -1.77 -7.29
C VAL A 162 -2.27 -0.87 -7.07
N ARG A 163 -2.12 0.14 -7.93
CA ARG A 163 -0.99 1.05 -7.81
C ARG A 163 -1.39 2.17 -6.87
N TYR A 164 -0.95 2.05 -5.63
CA TYR A 164 -1.26 3.03 -4.61
C TYR A 164 -0.39 4.27 -4.64
N ALA A 165 -1.00 5.43 -4.37
CA ALA A 165 -0.24 6.68 -4.24
C ALA A 165 0.11 6.60 -2.75
N ASN A 166 0.10 7.73 -2.05
CA ASN A 166 0.41 7.70 -0.62
C ASN A 166 -0.87 7.46 0.20
N VAL A 167 -0.82 6.47 1.09
CA VAL A 167 -1.96 6.13 1.93
C VAL A 167 -1.59 6.45 3.37
N VAL A 168 -2.51 7.10 4.10
CA VAL A 168 -2.24 7.47 5.48
C VAL A 168 -3.43 7.25 6.41
N GLY A 169 -3.14 6.96 7.68
CA GLY A 169 -4.19 6.74 8.65
C GLY A 169 -3.65 6.13 9.93
N PRO A 170 -4.53 5.66 10.82
CA PRO A 170 -4.10 5.06 12.08
C PRO A 170 -3.18 3.86 11.86
N ARG A 171 -2.34 3.59 12.85
CA ARG A 171 -1.42 2.45 12.82
C ARG A 171 -0.20 2.66 11.95
N LEU A 172 -0.13 3.81 11.28
CA LEU A 172 1.00 4.11 10.42
C LEU A 172 2.26 4.33 11.26
N ARG A 173 3.32 3.60 10.93
CA ARG A 173 4.58 3.71 11.64
C ARG A 173 5.74 4.06 10.72
N HIS A 174 5.42 4.69 9.60
CA HIS A 174 6.43 5.10 8.63
C HIS A 174 5.85 6.14 7.71
N GLY A 175 6.73 6.89 7.03
CA GLY A 175 6.26 7.93 6.13
C GLY A 175 6.57 9.31 6.69
N VAL A 176 6.29 10.35 5.90
CA VAL A 176 6.56 11.73 6.29
C VAL A 176 5.80 12.22 7.51
N ILE A 177 4.53 11.82 7.64
CA ILE A 177 3.73 12.26 8.78
C ILE A 177 4.32 11.68 10.06
N TYR A 178 4.59 10.37 10.03
CA TYR A 178 5.18 9.69 11.18
C TYR A 178 6.51 10.32 11.58
N ASP A 179 7.38 10.53 10.58
CA ASP A 179 8.68 11.11 10.84
C ASP A 179 8.59 12.50 11.45
N PHE A 180 7.65 13.32 10.98
CA PHE A 180 7.49 14.67 11.53
C PHE A 180 7.03 14.63 12.98
N ILE A 181 6.10 13.74 13.30
CA ILE A 181 5.60 13.64 14.66
C ILE A 181 6.72 13.19 15.59
N MET A 182 7.50 12.20 15.16
CA MET A 182 8.60 11.71 15.98
C MET A 182 9.69 12.76 16.15
N LYS A 183 9.86 13.62 15.15
CA LYS A 183 10.86 14.69 15.23
C LYS A 183 10.43 15.74 16.24
N LEU A 184 9.17 16.17 16.15
CA LEU A 184 8.66 17.17 17.08
C LEU A 184 8.61 16.61 18.49
N ARG A 185 8.46 15.29 18.58
CA ARG A 185 8.41 14.62 19.87
C ARG A 185 9.81 14.67 20.48
N ARG A 186 10.81 14.73 19.60
CA ARG A 186 12.21 14.80 20.00
C ARG A 186 12.56 16.24 20.40
N ASN A 187 11.99 17.19 19.67
CA ASN A 187 12.19 18.63 19.89
C ASN A 187 10.99 19.38 19.28
N PRO A 188 9.98 19.69 20.11
CA PRO A 188 8.79 20.39 19.63
C PRO A 188 9.04 21.82 19.14
N ASN A 189 10.26 22.32 19.36
CA ASN A 189 10.60 23.68 18.94
C ASN A 189 11.18 23.75 17.54
N VAL A 190 11.81 22.67 17.09
CA VAL A 190 12.39 22.66 15.76
C VAL A 190 11.91 21.47 14.93
N LEU A 191 11.85 21.64 13.62
CA LEU A 191 11.42 20.58 12.72
C LEU A 191 12.17 20.64 11.39
N GLU A 192 13.05 19.67 11.17
CA GLU A 192 13.82 19.63 9.92
C GLU A 192 12.99 18.96 8.82
N GLN A 199 8.80 18.44 -2.67
CA GLN A 199 8.05 17.29 -3.15
C GLN A 199 6.54 17.52 -3.01
N ARG A 200 5.79 17.09 -4.02
CA ARG A 200 4.34 17.24 -4.01
C ARG A 200 3.73 15.90 -4.37
N LYS A 201 3.00 15.30 -3.44
CA LYS A 201 2.38 14.01 -3.68
C LYS A 201 0.93 13.94 -3.20
N SER A 202 0.20 12.96 -3.74
CA SER A 202 -1.20 12.74 -3.39
C SER A 202 -1.33 11.83 -2.19
N TYR A 203 -2.22 12.21 -1.26
CA TYR A 203 -2.47 11.43 -0.04
C TYR A 203 -3.94 11.00 0.07
N LEU A 204 -4.16 9.73 0.41
CA LEU A 204 -5.51 9.21 0.54
C LEU A 204 -5.69 8.57 1.92
N TYR A 205 -6.74 8.96 2.64
CA TYR A 205 -6.96 8.35 3.96
C TYR A 205 -7.16 6.85 3.76
N VAL A 206 -6.61 6.05 4.67
CA VAL A 206 -6.69 4.59 4.55
C VAL A 206 -8.10 4.05 4.40
N ARG A 207 -9.06 4.74 4.99
CA ARG A 207 -10.44 4.31 4.89
C ARG A 207 -10.87 4.34 3.42
N ASP A 208 -10.56 5.44 2.74
CA ASP A 208 -10.90 5.59 1.32
C ASP A 208 -10.13 4.61 0.46
N ALA A 209 -8.86 4.37 0.81
CA ALA A 209 -8.00 3.45 0.05
C ALA A 209 -8.57 2.03 0.10
N VAL A 210 -9.00 1.61 1.29
CA VAL A 210 -9.56 0.27 1.46
C VAL A 210 -10.88 0.15 0.69
N GLU A 211 -11.73 1.15 0.79
CA GLU A 211 -13.01 1.10 0.08
C GLU A 211 -12.78 1.01 -1.43
N ALA A 212 -11.86 1.83 -1.95
CA ALA A 212 -11.55 1.82 -3.37
C ALA A 212 -11.03 0.46 -3.79
N THR A 213 -10.15 -0.11 -2.98
CA THR A 213 -9.55 -1.42 -3.27
C THR A 213 -10.61 -2.52 -3.32
N LEU A 214 -11.49 -2.57 -2.33
CA LEU A 214 -12.51 -3.60 -2.31
C LEU A 214 -13.55 -3.41 -3.41
N ALA A 215 -13.86 -2.16 -3.73
CA ALA A 215 -14.83 -1.86 -4.78
C ALA A 215 -14.26 -2.30 -6.12
N ALA A 216 -12.96 -2.07 -6.32
CA ALA A 216 -12.28 -2.46 -7.56
C ALA A 216 -12.22 -3.98 -7.66
N TRP A 217 -11.94 -4.63 -6.53
CA TRP A 217 -11.87 -6.09 -6.51
C TRP A 217 -13.21 -6.70 -6.92
N LYS A 218 -14.30 -6.17 -6.38
CA LYS A 218 -15.63 -6.68 -6.70
C LYS A 218 -15.89 -6.55 -8.20
N LYS A 219 -15.59 -5.38 -8.75
CA LYS A 219 -15.79 -5.15 -10.18
C LYS A 219 -14.88 -6.07 -10.99
N PHE A 220 -13.66 -6.29 -10.53
CA PHE A 220 -12.72 -7.16 -11.23
C PHE A 220 -13.22 -8.61 -11.26
N GLU A 221 -13.86 -9.05 -10.18
CA GLU A 221 -14.38 -10.40 -10.11
C GLU A 221 -15.59 -10.56 -11.04
N GLU A 222 -16.15 -9.44 -11.46
CA GLU A 222 -17.29 -9.47 -12.37
C GLU A 222 -16.83 -9.29 -13.81
N MET A 223 -15.50 -9.24 -13.98
CA MET A 223 -14.91 -9.07 -15.31
C MET A 223 -14.29 -10.40 -15.74
N ASP A 224 -13.80 -10.46 -16.97
CA ASP A 224 -13.18 -11.69 -17.48
C ASP A 224 -11.73 -11.43 -17.88
N ALA A 225 -11.29 -10.19 -17.78
CA ALA A 225 -9.90 -9.86 -18.13
C ALA A 225 -8.97 -10.54 -17.14
N PRO A 226 -7.94 -11.25 -17.64
CA PRO A 226 -6.99 -11.95 -16.78
C PRO A 226 -6.24 -11.01 -15.82
N PHE A 227 -5.81 -9.87 -16.36
CA PHE A 227 -5.05 -8.89 -15.58
C PHE A 227 -5.58 -7.47 -15.72
N LEU A 228 -5.45 -6.71 -14.64
CA LEU A 228 -5.87 -5.31 -14.65
C LEU A 228 -5.08 -4.49 -13.65
N ALA A 229 -4.52 -3.38 -14.12
CA ALA A 229 -3.77 -2.47 -13.26
C ALA A 229 -4.61 -1.19 -13.07
N LEU A 230 -4.79 -0.78 -11.84
CA LEU A 230 -5.59 0.36 -11.56
C LEU A 230 -4.95 1.27 -10.52
N ASN A 231 -4.91 2.57 -10.81
CA ASN A 231 -4.34 3.54 -9.88
C ASN A 231 -5.34 3.79 -8.74
N VAL A 232 -4.81 3.94 -7.53
CA VAL A 232 -5.64 4.23 -6.36
C VAL A 232 -4.96 5.33 -5.56
N GLY A 233 -5.57 6.52 -5.56
CA GLY A 233 -5.02 7.65 -4.83
C GLY A 233 -6.01 8.80 -4.85
N ASN A 234 -5.62 9.94 -4.29
CA ASN A 234 -6.52 11.09 -4.24
C ASN A 234 -6.45 11.84 -5.58
N VAL A 235 -7.32 12.82 -5.76
CA VAL A 235 -7.35 13.59 -7.00
C VAL A 235 -6.44 14.81 -6.90
N ASP A 236 -6.09 15.20 -5.68
CA ASP A 236 -5.22 16.36 -5.46
C ASP A 236 -3.89 15.96 -4.81
N ALA A 237 -3.14 16.95 -4.36
CA ALA A 237 -1.85 16.69 -3.74
C ALA A 237 -1.45 17.84 -2.81
N VAL A 238 -0.48 17.58 -1.96
CA VAL A 238 0.01 18.57 -1.01
C VAL A 238 1.54 18.55 -0.98
N ARG A 239 2.13 19.69 -0.64
CA ARG A 239 3.58 19.81 -0.58
C ARG A 239 4.11 19.46 0.81
N VAL A 240 5.38 19.06 0.86
CA VAL A 240 6.02 18.68 2.11
C VAL A 240 5.82 19.73 3.19
N LEU A 241 6.09 20.99 2.85
CA LEU A 241 5.93 22.09 3.81
C LEU A 241 4.52 22.22 4.33
N ASP A 242 3.54 21.84 3.50
CA ASP A 242 2.14 21.91 3.91
C ASP A 242 1.89 20.86 4.99
N ILE A 243 2.41 19.66 4.79
CA ILE A 243 2.26 18.57 5.75
C ILE A 243 2.87 18.99 7.08
N ALA A 244 4.08 19.54 7.01
CA ALA A 244 4.77 19.99 8.22
C ALA A 244 3.90 20.98 8.98
N GLN A 245 3.24 21.88 8.24
CA GLN A 245 2.37 22.88 8.84
C GLN A 245 1.18 22.22 9.52
N ILE A 246 0.53 21.31 8.80
CA ILE A 246 -0.64 20.60 9.32
C ILE A 246 -0.32 19.83 10.60
N VAL A 247 0.76 19.06 10.58
CA VAL A 247 1.17 18.27 11.73
C VAL A 247 1.39 19.16 12.96
N ALA A 248 2.07 20.28 12.77
CA ALA A 248 2.33 21.22 13.87
C ALA A 248 1.04 21.73 14.50
N GLU A 249 0.12 22.19 13.67
CA GLU A 249 -1.15 22.71 14.16
C GLU A 249 -1.91 21.67 14.98
N VAL A 250 -1.92 20.42 14.50
CA VAL A 250 -2.60 19.35 15.20
C VAL A 250 -2.02 19.17 16.60
N LEU A 251 -0.69 19.18 16.68
CA LEU A 251 0.02 19.01 17.96
C LEU A 251 0.01 20.31 18.76
N GLY A 252 -0.60 21.35 18.21
CA GLY A 252 -0.64 22.63 18.89
C GLY A 252 0.75 23.20 19.08
N LEU A 253 1.61 23.03 18.08
CA LEU A 253 2.97 23.53 18.16
C LEU A 253 3.27 24.56 17.09
N ARG A 254 4.35 25.31 17.28
CA ARG A 254 4.77 26.33 16.33
C ARG A 254 6.29 26.29 16.21
N PRO A 255 6.82 25.18 15.69
CA PRO A 255 8.27 24.97 15.51
C PRO A 255 8.85 25.69 14.31
N GLU A 256 10.17 25.78 14.27
CA GLU A 256 10.87 26.42 13.17
C GLU A 256 11.19 25.40 12.09
N ILE A 257 10.71 25.66 10.89
CA ILE A 257 10.95 24.75 9.77
C ILE A 257 12.36 25.00 9.28
N ARG A 258 13.18 23.95 9.23
CA ARG A 258 14.56 24.09 8.78
C ARG A 258 14.85 23.13 7.65
N LEU A 259 14.91 23.66 6.43
CA LEU A 259 15.18 22.88 5.24
C LEU A 259 16.64 22.44 5.22
N VAL A 260 16.86 21.14 5.33
CA VAL A 260 18.22 20.59 5.32
C VAL A 260 18.62 20.14 3.93
N GLY A 271 16.87 8.01 -5.39
CA GLY A 271 15.82 7.38 -6.16
C GLY A 271 14.42 7.72 -5.70
N ASP A 272 14.26 8.87 -5.06
CA ASP A 272 12.96 9.29 -4.58
C ASP A 272 12.23 10.16 -5.60
N VAL A 273 11.02 9.76 -5.97
CA VAL A 273 10.22 10.53 -6.92
C VAL A 273 9.89 11.85 -6.25
N LYS A 274 10.06 12.93 -6.98
CA LYS A 274 9.86 14.29 -6.49
C LYS A 274 8.40 14.69 -6.51
N TYR A 275 7.76 14.46 -7.64
CA TYR A 275 6.36 14.82 -7.85
C TYR A 275 5.54 13.58 -8.21
N MET A 276 4.38 13.42 -7.58
CA MET A 276 3.55 12.27 -7.86
C MET A 276 2.07 12.51 -7.62
N THR A 277 1.26 12.07 -8.58
CA THR A 277 -0.18 12.18 -8.52
C THR A 277 -0.72 11.25 -9.59
N LEU A 278 -1.50 10.26 -9.18
CA LEU A 278 -2.04 9.29 -10.13
C LEU A 278 -3.43 9.69 -10.60
N ALA A 279 -3.71 9.43 -11.87
CA ALA A 279 -5.02 9.73 -12.41
C ALA A 279 -5.92 8.57 -11.98
N VAL A 280 -7.05 8.88 -11.37
CA VAL A 280 -7.97 7.85 -10.91
C VAL A 280 -9.28 7.80 -11.69
N THR A 281 -9.24 8.29 -12.92
CA THR A 281 -10.43 8.30 -13.78
C THR A 281 -10.92 6.89 -14.05
N LYS A 282 -10.00 5.96 -14.27
CA LYS A 282 -10.40 4.57 -14.52
C LYS A 282 -11.11 3.98 -13.32
N LEU A 283 -10.54 4.19 -12.13
CA LEU A 283 -11.15 3.70 -10.90
C LEU A 283 -12.55 4.27 -10.68
N MET A 284 -12.68 5.59 -10.78
CA MET A 284 -13.97 6.24 -10.56
C MET A 284 -15.03 5.79 -11.58
N LYS A 285 -14.62 5.63 -12.83
CA LYS A 285 -15.53 5.22 -13.89
C LYS A 285 -15.94 3.75 -13.75
N LEU A 286 -15.01 2.93 -13.28
CA LEU A 286 -15.28 1.51 -13.12
C LEU A 286 -16.11 1.16 -11.89
N THR A 287 -15.91 1.89 -10.80
CA THR A 287 -16.60 1.58 -9.54
C THR A 287 -17.51 2.67 -9.00
N GLY A 288 -17.39 3.88 -9.53
CA GLY A 288 -18.18 4.98 -9.03
C GLY A 288 -17.60 5.51 -7.72
N TRP A 289 -16.45 4.96 -7.33
CA TRP A 289 -15.79 5.38 -6.10
C TRP A 289 -15.39 6.85 -6.15
N ARG A 290 -15.35 7.49 -4.98
CA ARG A 290 -14.96 8.88 -4.86
C ARG A 290 -14.29 9.07 -3.50
N PRO A 291 -13.22 9.88 -3.46
CA PRO A 291 -12.54 10.09 -2.17
C PRO A 291 -13.45 10.89 -1.24
N THR A 292 -13.36 10.62 0.06
CA THR A 292 -14.17 11.33 1.05
C THR A 292 -13.40 12.49 1.68
N MET A 293 -12.11 12.56 1.43
CA MET A 293 -11.25 13.59 2.01
C MET A 293 -10.21 14.00 1.04
N THR A 294 -9.80 15.23 1.12
CA THR A 294 -8.77 15.78 0.23
C THR A 294 -7.42 15.35 0.80
N SER A 295 -6.34 15.56 0.04
CA SER A 295 -5.02 15.18 0.53
C SER A 295 -4.71 15.87 1.85
N ALA A 296 -4.98 17.17 1.92
CA ALA A 296 -4.73 17.94 3.14
C ALA A 296 -5.57 17.45 4.30
N GLU A 297 -6.80 17.03 4.03
CA GLU A 297 -7.69 16.53 5.08
C GLU A 297 -7.23 15.15 5.57
N ALA A 298 -6.76 14.32 4.63
CA ALA A 298 -6.30 12.99 5.00
C ALA A 298 -5.05 13.10 5.87
N VAL A 299 -4.20 14.07 5.57
CA VAL A 299 -2.98 14.30 6.34
C VAL A 299 -3.32 14.79 7.73
N LYS A 300 -4.26 15.71 7.82
CA LYS A 300 -4.69 16.26 9.11
C LYS A 300 -5.29 15.19 10.01
N LYS A 301 -6.18 14.40 9.44
CA LYS A 301 -6.84 13.33 10.20
C LYS A 301 -5.80 12.34 10.70
N THR A 302 -4.89 11.95 9.82
CA THR A 302 -3.84 10.99 10.18
C THR A 302 -2.96 11.53 11.30
N ALA A 303 -2.64 12.82 11.24
CA ALA A 303 -1.83 13.42 12.29
C ALA A 303 -2.57 13.33 13.64
N GLU A 304 -3.88 13.53 13.60
CA GLU A 304 -4.70 13.46 14.82
C GLU A 304 -4.74 12.01 15.31
N ASP A 305 -4.80 11.06 14.38
CA ASP A 305 -4.82 9.65 14.76
C ASP A 305 -3.50 9.26 15.42
N LEU A 306 -2.40 9.58 14.74
CA LEU A 306 -1.06 9.23 15.24
C LEU A 306 -0.69 9.97 16.51
N ALA A 307 -1.29 11.14 16.71
CA ALA A 307 -1.02 11.91 17.92
C ALA A 307 -1.38 11.08 19.14
N LYS A 308 -2.54 10.44 19.09
CA LYS A 308 -3.01 9.61 20.20
C LYS A 308 -2.19 8.33 20.33
N GLU A 309 -1.53 7.93 19.24
CA GLU A 309 -0.74 6.72 19.24
C GLU A 309 0.74 6.92 19.58
N LEU A 310 1.28 8.08 19.22
CA LEU A 310 2.70 8.35 19.41
C LEU A 310 3.05 9.47 20.39
N TRP A 311 2.19 10.49 20.46
CA TRP A 311 2.43 11.62 21.34
C TRP A 311 2.20 11.27 22.81
PA NAD B . 3.72 -2.02 6.17
O1A NAD B . 2.94 -1.37 7.24
O2A NAD B . 5.17 -2.26 6.42
O5B NAD B . 3.00 -3.40 5.78
C5B NAD B . 3.72 -4.45 5.14
C4B NAD B . 3.45 -5.77 5.86
O4B NAD B . 4.14 -6.82 5.17
C3B NAD B . 4.03 -5.70 7.28
O3B NAD B . 3.13 -6.26 8.24
C2B NAD B . 5.29 -6.55 7.16
O2B NAD B . 5.59 -7.18 8.41
C1B NAD B . 4.81 -7.60 6.17
N9A NAD B . 5.95 -8.32 5.55
C8A NAD B . 7.04 -7.75 5.03
N7A NAD B . 7.85 -8.69 4.56
C5A NAD B . 7.27 -9.87 4.77
C6A NAD B . 7.65 -11.19 4.52
N6A NAD B . 8.83 -11.47 3.97
N1A NAD B . 6.82 -12.16 4.90
C2A NAD B . 5.67 -11.91 5.50
N3A NAD B . 5.29 -10.67 5.75
C4A NAD B . 6.06 -9.63 5.39
O3 NAD B . 3.65 -1.16 4.80
PN NAD B . 2.26 -0.63 4.15
O1N NAD B . 2.37 0.83 3.96
O2N NAD B . 1.10 -1.18 4.88
O5D NAD B . 2.32 -1.30 2.68
C5D NAD B . 1.56 -2.47 2.38
C4D NAD B . 1.58 -2.75 0.87
O4D NAD B . 1.10 -1.55 0.24
C3D NAD B . 3.00 -2.99 0.38
O3D NAD B . 3.03 -3.88 -0.73
C2D NAD B . 3.44 -1.59 -0.05
O2D NAD B . 4.40 -1.65 -1.10
C1D NAD B . 2.12 -1.06 -0.64
N1N NAD B . 2.13 0.42 -0.76
C2N NAD B . 1.84 1.21 0.35
C3N NAD B . 1.88 2.60 0.23
C7N NAD B . 1.55 3.50 1.43
O7N NAD B . 1.37 3.01 2.55
N7N NAD B . 1.50 4.80 1.18
C4N NAD B . 2.18 3.20 -0.98
C5N NAD B . 2.46 2.40 -2.10
C6N NAD B . 2.43 1.01 -1.99
P PO4 C . 1.59 -21.74 11.74
O1 PO4 C . 0.88 -21.83 10.43
O2 PO4 C . 1.11 -20.49 12.43
O3 PO4 C . 1.26 -22.92 12.60
O4 PO4 C . 3.07 -21.75 11.50
#